data_5YHR
#
_entry.id   5YHR
#
_cell.length_a   65.546
_cell.length_b   65.546
_cell.length_c   101.327
_cell.angle_alpha   90.00
_cell.angle_beta   90.00
_cell.angle_gamma   90.00
#
_symmetry.space_group_name_H-M   'P 43 21 2'
#
loop_
_entity.id
_entity.type
_entity.pdbx_description
1 polymer 'Anti-CRISPR protein 30'
2 non-polymer 'CALCIUM ION'
3 water water
#
_entity_poly.entity_id   1
_entity_poly.type   'polypeptide(L)'
_entity_poly.pdbx_seq_one_letter_code
;G(MSE)TKTAQ(MSE)IAQQHKDTVAACEAAEAIAIAKDQVWDGEGYTKYTFDDNSVLIQSGTTQYA(MSE)DADDADSI
KGYADWLDDEARSAEASEIERLLESVEEE
;
_entity_poly.pdbx_strand_id   A,B
#
# COMPACT_ATOMS: atom_id res chain seq x y z
N THR A 3 -10.51 13.77 -17.65
CA THR A 3 -9.64 13.02 -16.73
C THR A 3 -8.47 13.87 -16.29
N LYS A 4 -8.28 13.97 -14.98
CA LYS A 4 -7.28 14.85 -14.41
C LYS A 4 -5.91 14.19 -14.31
N THR A 5 -4.94 15.02 -13.98
CA THR A 5 -3.54 14.64 -14.03
C THR A 5 -3.21 13.44 -13.14
N ALA A 6 -3.68 13.45 -11.89
CA ALA A 6 -3.34 12.34 -10.99
C ALA A 6 -3.84 11.02 -11.55
N GLN A 7 -5.04 11.01 -12.10
CA GLN A 7 -5.60 9.77 -12.63
C GLN A 7 -4.85 9.31 -13.86
N ILE A 9 -1.67 9.87 -14.50
CA ILE A 9 -0.39 9.33 -14.05
C ILE A 9 -0.58 7.93 -13.49
N ALA A 10 -1.61 7.74 -12.66
CA ALA A 10 -1.85 6.43 -12.06
C ALA A 10 -2.17 5.37 -13.12
N GLN A 11 -2.84 5.76 -14.19
CA GLN A 11 -3.17 4.81 -15.26
C GLN A 11 -1.96 4.50 -16.14
N GLN A 12 -1.14 5.51 -16.41
CA GLN A 12 -0.03 5.35 -17.37
C GLN A 12 1.26 4.87 -16.72
N HIS A 13 1.36 5.00 -15.40
CA HIS A 13 2.57 4.64 -14.68
C HIS A 13 2.19 3.86 -13.43
N LYS A 14 2.00 2.57 -13.59
CA LYS A 14 1.50 1.73 -12.51
C LYS A 14 2.53 1.47 -11.42
N ASP A 15 3.81 1.52 -11.76
CA ASP A 15 4.85 1.33 -10.76
C ASP A 15 5.15 2.65 -10.06
N THR A 16 5.14 2.60 -8.75
CA THR A 16 5.36 3.76 -7.89
C THR A 16 6.56 4.61 -8.30
N VAL A 17 7.68 3.97 -8.58
CA VAL A 17 8.89 4.71 -8.88
C VAL A 17 8.72 5.57 -10.14
N ALA A 18 8.05 5.03 -11.15
CA ALA A 18 7.82 5.77 -12.39
C ALA A 18 6.76 6.87 -12.19
N ALA A 19 5.67 6.54 -11.50
CA ALA A 19 4.63 7.52 -11.23
C ALA A 19 5.20 8.70 -10.42
N CYS A 20 6.13 8.40 -9.52
CA CYS A 20 6.80 9.43 -8.74
C CYS A 20 7.60 10.38 -9.64
N GLU A 21 8.32 9.84 -10.62
CA GLU A 21 9.05 10.66 -11.57
C GLU A 21 8.10 11.61 -12.31
N ALA A 22 6.98 11.06 -12.79
CA ALA A 22 5.99 11.88 -13.47
C ALA A 22 5.44 12.97 -12.56
N ALA A 23 5.05 12.58 -11.34
CA ALA A 23 4.45 13.52 -10.41
C ALA A 23 5.42 14.63 -10.04
N GLU A 24 6.67 14.28 -9.74
CA GLU A 24 7.62 15.29 -9.30
C GLU A 24 8.00 16.26 -10.41
N ALA A 25 7.83 15.84 -11.66
CA ALA A 25 8.15 16.73 -12.77
C ALA A 25 7.25 17.96 -12.81
N ILE A 26 6.02 17.85 -12.30
CA ILE A 26 5.04 18.91 -12.48
C ILE A 26 4.22 19.28 -11.24
N ALA A 27 4.36 18.55 -10.15
CA ALA A 27 3.54 18.83 -8.96
C ALA A 27 3.77 20.26 -8.46
N ILE A 28 2.70 20.90 -8.00
CA ILE A 28 2.82 22.24 -7.42
C ILE A 28 2.98 22.18 -5.90
N ALA A 29 2.77 21.01 -5.32
CA ALA A 29 3.03 20.81 -3.90
C ALA A 29 3.33 19.33 -3.64
N LYS A 30 4.14 19.09 -2.61
CA LYS A 30 4.50 17.77 -2.14
C LYS A 30 4.38 17.77 -0.61
N ASP A 31 3.53 16.90 -0.07
CA ASP A 31 3.27 16.85 1.37
C ASP A 31 3.36 15.43 1.87
N GLN A 32 3.87 15.26 3.08
CA GLN A 32 3.99 13.94 3.69
C GLN A 32 2.93 13.69 4.74
N VAL A 33 2.42 12.46 4.76
CA VAL A 33 1.64 11.94 5.87
C VAL A 33 2.53 10.95 6.60
N TRP A 34 2.78 11.16 7.88
CA TRP A 34 3.76 10.35 8.59
C TRP A 34 3.18 9.08 9.23
N ASP A 35 1.89 9.12 9.55
CA ASP A 35 1.26 8.01 10.26
C ASP A 35 0.97 6.83 9.37
N GLY A 36 0.79 5.67 9.99
CA GLY A 36 0.38 4.47 9.29
C GLY A 36 1.45 3.99 8.35
N GLU A 37 1.06 3.73 7.12
CA GLU A 37 2.01 3.29 6.11
C GLU A 37 2.98 4.40 5.73
N GLY A 38 2.59 5.65 6.02
CA GLY A 38 3.26 6.82 5.49
C GLY A 38 2.81 7.04 4.06
N TYR A 39 2.61 8.30 3.66
CA TYR A 39 2.12 8.61 2.34
C TYR A 39 2.76 9.88 1.83
N THR A 40 2.98 9.96 0.52
CA THR A 40 3.47 11.17 -0.10
C THR A 40 2.38 11.67 -1.03
N LYS A 41 2.01 12.94 -0.90
CA LYS A 41 0.92 13.54 -1.66
C LYS A 41 1.47 14.56 -2.63
N TYR A 42 1.19 14.36 -3.92
CA TYR A 42 1.58 15.28 -4.96
C TYR A 42 0.34 16.00 -5.48
N THR A 43 0.27 17.31 -5.27
CA THR A 43 -0.87 18.09 -5.77
C THR A 43 -0.54 18.70 -7.13
N PHE A 44 -1.50 18.65 -8.04
CA PHE A 44 -1.30 19.21 -9.39
C PHE A 44 -2.12 20.47 -9.61
N ASP A 45 -1.80 21.18 -10.67
CA ASP A 45 -2.45 22.44 -11.02
C ASP A 45 -3.95 22.33 -11.16
N ASP A 46 -4.43 21.15 -11.57
CA ASP A 46 -5.86 20.94 -11.77
C ASP A 46 -6.60 20.47 -10.52
N ASN A 47 -5.92 20.54 -9.38
CA ASN A 47 -6.46 20.15 -8.08
C ASN A 47 -6.78 18.65 -7.97
N SER A 48 -6.07 17.85 -8.74
CA SER A 48 -6.02 16.44 -8.45
C SER A 48 -4.76 16.19 -7.62
N VAL A 49 -4.73 15.06 -6.94
CA VAL A 49 -3.64 14.71 -6.05
C VAL A 49 -3.30 13.25 -6.24
N LEU A 50 -2.02 12.94 -6.46
CA LEU A 50 -1.58 11.54 -6.45
C LEU A 50 -0.97 11.25 -5.10
N ILE A 51 -1.50 10.24 -4.41
CA ILE A 51 -0.96 9.86 -3.10
C ILE A 51 -0.33 8.49 -3.20
N GLN A 52 0.92 8.36 -2.75
CA GLN A 52 1.65 7.09 -2.81
C GLN A 52 1.97 6.58 -1.43
N SER A 53 1.65 5.32 -1.16
CA SER A 53 2.00 4.72 0.12
C SER A 53 3.50 4.46 0.22
N GLY A 54 4.04 4.66 1.42
CA GLY A 54 5.42 4.32 1.72
C GLY A 54 5.63 2.94 2.33
N THR A 55 4.55 2.16 2.50
CA THR A 55 4.69 0.80 3.01
C THR A 55 3.76 -0.10 2.23
N THR A 56 4.20 -0.48 1.04
CA THR A 56 3.39 -1.29 0.15
C THR A 56 3.79 -2.77 0.19
N GLN A 57 4.81 -3.09 0.98
CA GLN A 57 5.24 -4.48 1.19
C GLN A 57 5.28 -4.83 2.65
N TYR A 58 5.11 -6.12 2.93
CA TYR A 58 5.24 -6.63 4.28
C TYR A 58 6.02 -7.95 4.25
N ALA A 59 7.02 -8.09 5.10
CA ALA A 59 7.80 -9.32 5.23
C ALA A 59 7.36 -10.04 6.49
N ASP A 61 7.38 -13.27 9.05
CA ASP A 61 7.97 -14.47 9.60
C ASP A 61 6.82 -15.33 10.14
N ALA A 62 6.52 -16.43 9.47
CA ALA A 62 5.39 -17.28 9.85
C ALA A 62 5.59 -18.00 11.18
N ASP A 63 6.78 -17.89 11.77
CA ASP A 63 7.05 -18.56 13.04
C ASP A 63 7.03 -17.58 14.20
N ASP A 64 6.62 -16.35 13.92
CA ASP A 64 6.65 -15.30 14.92
C ASP A 64 5.27 -14.66 15.04
N ALA A 65 4.66 -14.79 16.22
CA ALA A 65 3.31 -14.29 16.44
C ALA A 65 3.18 -12.79 16.18
N ASP A 66 4.13 -12.00 16.66
CA ASP A 66 4.07 -10.57 16.44
C ASP A 66 4.16 -10.25 14.96
N SER A 67 4.97 -10.98 14.22
CA SER A 67 5.08 -10.74 12.79
C SER A 67 3.76 -11.04 12.06
N ILE A 68 3.12 -12.13 12.43
CA ILE A 68 1.84 -12.51 11.85
C ILE A 68 0.76 -11.47 12.19
N LYS A 69 0.72 -11.05 13.46
CA LYS A 69 -0.23 -10.03 13.87
C LYS A 69 0.02 -8.71 13.13
N GLY A 70 1.29 -8.38 12.91
CA GLY A 70 1.63 -7.18 12.16
C GLY A 70 1.16 -7.24 10.72
N TYR A 71 1.24 -8.42 10.11
CA TYR A 71 0.71 -8.63 8.77
C TYR A 71 -0.79 -8.35 8.75
N ALA A 72 -1.50 -8.95 9.71
CA ALA A 72 -2.93 -8.77 9.80
C ALA A 72 -3.29 -7.29 9.93
N ASP A 73 -2.54 -6.56 10.76
CA ASP A 73 -2.81 -5.14 10.98
C ASP A 73 -2.52 -4.30 9.74
N TRP A 74 -1.54 -4.72 8.96
CA TRP A 74 -1.10 -3.97 7.79
C TRP A 74 -2.06 -4.14 6.60
N LEU A 75 -2.67 -5.32 6.48
CA LEU A 75 -3.73 -5.51 5.50
C LEU A 75 -4.84 -4.47 5.72
N ASP A 76 -5.50 -4.06 4.64
CA ASP A 76 -6.72 -3.27 4.78
C ASP A 76 -7.84 -4.17 5.34
N ASP A 77 -8.93 -3.56 5.81
CA ASP A 77 -9.98 -4.32 6.51
C ASP A 77 -10.59 -5.42 5.65
N GLU A 78 -10.80 -5.15 4.36
CA GLU A 78 -11.42 -6.14 3.48
C GLU A 78 -10.50 -7.33 3.23
N ALA A 79 -9.23 -7.05 2.95
CA ALA A 79 -8.29 -8.13 2.74
C ALA A 79 -8.09 -8.92 4.04
N ARG A 80 -8.13 -8.24 5.19
CA ARG A 80 -7.98 -8.94 6.47
C ARG A 80 -9.11 -9.96 6.64
N SER A 81 -10.33 -9.57 6.27
CA SER A 81 -11.45 -10.50 6.33
C SER A 81 -11.20 -11.73 5.43
N ALA A 82 -10.69 -11.51 4.23
CA ALA A 82 -10.41 -12.60 3.31
C ALA A 82 -9.32 -13.52 3.87
N GLU A 83 -8.38 -12.92 4.59
CA GLU A 83 -7.22 -13.63 5.14
C GLU A 83 -7.39 -14.14 6.56
N ALA A 84 -8.53 -13.84 7.19
CA ALA A 84 -8.67 -14.05 8.63
C ALA A 84 -8.47 -15.51 9.03
N SER A 85 -9.01 -16.45 8.26
CA SER A 85 -8.88 -17.85 8.65
C SER A 85 -7.43 -18.33 8.49
N GLU A 86 -6.74 -17.83 7.46
CA GLU A 86 -5.32 -18.14 7.28
C GLU A 86 -4.49 -17.53 8.41
N ILE A 87 -4.79 -16.29 8.80
CA ILE A 87 -4.08 -15.65 9.90
C ILE A 87 -4.27 -16.45 11.19
N GLU A 88 -5.48 -16.92 11.43
CA GLU A 88 -5.74 -17.74 12.61
C GLU A 88 -4.95 -19.05 12.55
N ARG A 89 -4.89 -19.67 11.38
CA ARG A 89 -4.11 -20.90 11.18
C ARG A 89 -2.64 -20.63 11.50
N LEU A 90 -2.11 -19.53 10.98
CA LEU A 90 -0.72 -19.17 11.23
C LEU A 90 -0.45 -19.00 12.73
N LEU A 91 -1.30 -18.22 13.40
CA LEU A 91 -1.12 -17.99 14.83
C LEU A 91 -1.20 -19.28 15.63
N GLU A 92 -2.12 -20.17 15.26
CA GLU A 92 -2.28 -21.42 15.98
C GLU A 92 -1.07 -22.32 15.80
N SER A 93 -0.36 -22.15 14.69
CA SER A 93 0.79 -23.01 14.41
C SER A 93 2.04 -22.55 15.14
N VAL A 94 2.03 -21.33 15.67
CA VAL A 94 3.16 -20.82 16.43
C VAL A 94 3.15 -21.37 17.86
N THR B 3 17.57 -14.22 10.27
CA THR B 3 16.67 -13.48 9.39
C THR B 3 16.10 -14.39 8.30
N LYS B 4 14.78 -14.37 8.15
CA LYS B 4 14.08 -15.23 7.20
C LYS B 4 14.16 -14.64 5.78
N THR B 5 13.86 -15.48 4.80
CA THR B 5 14.01 -15.10 3.40
C THR B 5 13.22 -13.84 3.02
N ALA B 6 11.98 -13.75 3.47
CA ALA B 6 11.18 -12.58 3.12
C ALA B 6 11.82 -11.29 3.62
N GLN B 7 12.34 -11.33 4.85
CA GLN B 7 12.94 -10.15 5.44
C GLN B 7 14.27 -9.84 4.76
N ILE B 9 15.03 -10.45 1.62
CA ILE B 9 14.71 -9.86 0.33
C ILE B 9 14.31 -8.39 0.50
N ALA B 10 13.47 -8.11 1.49
CA ALA B 10 13.04 -6.73 1.73
C ALA B 10 14.24 -5.83 2.06
N GLN B 11 15.20 -6.38 2.81
CA GLN B 11 16.41 -5.64 3.20
C GLN B 11 17.43 -5.49 2.08
N GLN B 12 17.59 -6.53 1.26
CA GLN B 12 18.58 -6.54 0.18
C GLN B 12 18.09 -5.76 -1.05
N HIS B 13 16.79 -5.63 -1.18
CA HIS B 13 16.21 -4.98 -2.34
C HIS B 13 15.26 -3.88 -1.89
N LYS B 14 15.81 -2.69 -1.66
CA LYS B 14 15.04 -1.57 -1.13
C LYS B 14 13.96 -1.05 -2.09
N ASP B 15 14.17 -1.19 -3.38
CA ASP B 15 13.14 -0.83 -4.35
C ASP B 15 12.08 -1.93 -4.41
N THR B 16 10.80 -1.57 -4.33
CA THR B 16 9.78 -2.62 -4.20
C THR B 16 9.72 -3.53 -5.43
N VAL B 17 9.87 -2.98 -6.64
CA VAL B 17 9.85 -3.80 -7.84
C VAL B 17 10.99 -4.82 -7.85
N ALA B 18 12.17 -4.39 -7.39
CA ALA B 18 13.33 -5.27 -7.31
C ALA B 18 13.07 -6.41 -6.30
N ALA B 19 12.51 -6.07 -5.14
CA ALA B 19 12.17 -7.08 -4.14
C ALA B 19 11.17 -8.10 -4.69
N CYS B 20 10.15 -7.64 -5.41
CA CYS B 20 9.20 -8.58 -5.97
C CYS B 20 9.83 -9.51 -7.00
N GLU B 21 10.72 -8.98 -7.83
CA GLU B 21 11.35 -9.83 -8.83
C GLU B 21 12.28 -10.85 -8.17
N ALA B 22 13.02 -10.43 -7.14
CA ALA B 22 13.85 -11.36 -6.39
C ALA B 22 12.98 -12.46 -5.76
N ALA B 23 11.83 -12.06 -5.23
CA ALA B 23 10.89 -13.01 -4.62
C ALA B 23 10.36 -14.00 -5.67
N GLU B 24 10.00 -13.48 -6.83
CA GLU B 24 9.51 -14.31 -7.92
C GLU B 24 10.48 -15.42 -8.26
N ALA B 25 11.77 -15.11 -8.25
CA ALA B 25 12.80 -16.05 -8.66
C ALA B 25 12.96 -17.25 -7.72
N ILE B 26 12.60 -17.10 -6.44
CA ILE B 26 12.86 -18.19 -5.49
C ILE B 26 11.66 -18.65 -4.69
N ALA B 27 10.53 -17.96 -4.78
CA ALA B 27 9.34 -18.36 -4.02
C ALA B 27 8.90 -19.78 -4.37
N ILE B 28 8.46 -20.53 -3.36
CA ILE B 28 7.91 -21.86 -3.62
C ILE B 28 6.42 -21.81 -3.95
N ALA B 29 5.78 -20.67 -3.68
CA ALA B 29 4.36 -20.52 -3.97
C ALA B 29 4.04 -19.06 -4.13
N LYS B 30 3.00 -18.78 -4.91
CA LYS B 30 2.55 -17.42 -5.14
C LYS B 30 1.02 -17.45 -5.14
N ASP B 31 0.42 -16.58 -4.32
CA ASP B 31 -1.03 -16.52 -4.15
C ASP B 31 -1.50 -15.08 -4.33
N GLN B 32 -2.73 -14.92 -4.79
CA GLN B 32 -3.33 -13.58 -4.89
C GLN B 32 -4.54 -13.44 -4.00
N VAL B 33 -4.53 -12.39 -3.18
CA VAL B 33 -5.72 -11.95 -2.47
C VAL B 33 -6.36 -10.85 -3.32
N TRP B 34 -7.62 -11.03 -3.72
CA TRP B 34 -8.25 -10.05 -4.59
C TRP B 34 -8.97 -8.95 -3.83
N ASP B 35 -9.44 -9.27 -2.63
CA ASP B 35 -10.20 -8.29 -1.88
C ASP B 35 -9.36 -7.09 -1.40
N GLY B 36 -10.02 -5.97 -1.18
CA GLY B 36 -9.37 -4.78 -0.70
C GLY B 36 -8.41 -4.21 -1.73
N GLU B 37 -7.19 -3.91 -1.30
CA GLU B 37 -6.19 -3.37 -2.20
C GLU B 37 -5.74 -4.40 -3.24
N GLY B 38 -5.96 -5.67 -2.97
CA GLY B 38 -5.33 -6.74 -3.72
C GLY B 38 -3.92 -6.93 -3.19
N TYR B 39 -3.49 -8.19 -3.08
CA TYR B 39 -2.16 -8.49 -2.54
C TYR B 39 -1.59 -9.71 -3.22
N THR B 40 -0.31 -9.65 -3.56
CA THR B 40 0.43 -10.80 -4.06
C THR B 40 1.30 -11.34 -2.93
N LYS B 41 1.17 -12.63 -2.64
CA LYS B 41 1.91 -13.26 -1.56
C LYS B 41 2.94 -14.23 -2.13
N TYR B 42 4.21 -14.00 -1.82
CA TYR B 42 5.30 -14.89 -2.22
C TYR B 42 5.73 -15.68 -1.00
N THR B 43 5.51 -17.00 -1.00
CA THR B 43 5.91 -17.83 0.12
C THR B 43 7.22 -18.54 -0.18
N PHE B 44 8.13 -18.54 0.80
CA PHE B 44 9.45 -19.11 0.64
C PHE B 44 9.59 -20.45 1.33
N ASP B 45 10.71 -21.13 1.06
CA ASP B 45 10.96 -22.46 1.58
C ASP B 45 10.96 -22.47 3.11
N ASP B 46 11.34 -21.36 3.73
CA ASP B 46 11.37 -21.30 5.18
C ASP B 46 10.03 -20.81 5.77
N ASN B 47 9.01 -20.78 4.92
CA ASN B 47 7.62 -20.42 5.24
C ASN B 47 7.40 -18.94 5.50
N SER B 48 8.45 -18.13 5.42
CA SER B 48 8.26 -16.68 5.46
C SER B 48 7.57 -16.25 4.18
N VAL B 49 6.96 -15.07 4.22
CA VAL B 49 6.13 -14.59 3.13
C VAL B 49 6.40 -13.12 2.87
N LEU B 50 6.62 -12.76 1.60
CA LEU B 50 6.67 -11.36 1.21
C LEU B 50 5.34 -11.02 0.56
N ILE B 51 4.66 -9.99 1.07
CA ILE B 51 3.36 -9.60 0.53
C ILE B 51 3.46 -8.21 -0.07
N GLN B 52 2.93 -8.05 -1.28
CA GLN B 52 2.97 -6.79 -2.02
C GLN B 52 1.54 -6.30 -2.29
N SER B 53 1.23 -5.09 -1.87
CA SER B 53 -0.06 -4.49 -2.21
C SER B 53 -0.20 -4.23 -3.69
N GLY B 54 -1.40 -4.45 -4.22
CA GLY B 54 -1.72 -4.14 -5.61
C GLY B 54 -2.42 -2.80 -5.79
N THR B 55 -2.56 -2.01 -4.73
CA THR B 55 -3.06 -0.64 -4.85
C THR B 55 -2.13 0.27 -4.03
N THR B 56 -1.02 0.63 -4.66
CA THR B 56 0.09 1.30 -4.01
C THR B 56 -0.05 2.81 -4.00
N GLN B 57 -0.99 3.31 -4.79
CA GLN B 57 -1.19 4.74 -4.93
C GLN B 57 -2.64 5.00 -5.27
N TYR B 58 -3.07 6.25 -5.08
CA TYR B 58 -4.46 6.64 -5.24
C TYR B 58 -4.51 8.00 -5.92
N ALA B 59 -5.33 8.12 -6.95
CA ALA B 59 -5.55 9.38 -7.65
C ALA B 59 -6.83 10.03 -7.15
N ASP B 61 -9.44 13.20 -7.14
CA ASP B 61 -9.96 14.44 -7.71
C ASP B 61 -10.51 15.26 -6.54
N ALA B 62 -9.80 16.31 -6.14
CA ALA B 62 -10.17 17.08 -4.95
C ALA B 62 -11.43 17.91 -5.13
N ASP B 63 -11.99 17.92 -6.34
CA ASP B 63 -13.24 18.63 -6.58
C ASP B 63 -14.43 17.67 -6.55
N ASP B 64 -14.17 16.40 -6.24
CA ASP B 64 -15.21 15.37 -6.25
C ASP B 64 -15.33 14.68 -4.89
N ALA B 65 -16.50 14.81 -4.26
CA ALA B 65 -16.71 14.27 -2.91
C ALA B 65 -16.47 12.77 -2.83
N ASP B 66 -16.98 12.01 -3.80
CA ASP B 66 -16.79 10.56 -3.75
C ASP B 66 -15.33 10.18 -3.93
N SER B 67 -14.59 10.94 -4.72
CA SER B 67 -13.17 10.67 -4.89
C SER B 67 -12.40 10.93 -3.60
N ILE B 68 -12.74 12.03 -2.92
CA ILE B 68 -12.16 12.34 -1.62
C ILE B 68 -12.48 11.24 -0.61
N LYS B 69 -13.73 10.79 -0.57
CA LYS B 69 -14.10 9.73 0.37
C LYS B 69 -13.40 8.42 0.03
N GLY B 70 -13.16 8.17 -1.27
CA GLY B 70 -12.41 7.00 -1.69
C GLY B 70 -10.97 7.05 -1.23
N TYR B 71 -10.40 8.24 -1.24
CA TYR B 71 -9.05 8.43 -0.69
C TYR B 71 -9.03 8.05 0.79
N ALA B 72 -10.00 8.57 1.54
CA ALA B 72 -10.10 8.26 2.95
C ALA B 72 -10.18 6.77 3.20
N ASP B 73 -10.97 6.07 2.39
CA ASP B 73 -11.14 4.62 2.56
C ASP B 73 -9.85 3.86 2.25
N TRP B 74 -9.07 4.37 1.30
CA TRP B 74 -7.83 3.71 0.88
C TRP B 74 -6.72 3.90 1.90
N LEU B 75 -6.70 5.06 2.56
CA LEU B 75 -5.78 5.23 3.69
C LEU B 75 -5.98 4.15 4.74
N ASP B 76 -4.89 3.71 5.36
CA ASP B 76 -5.00 2.93 6.59
C ASP B 76 -5.61 3.81 7.68
N ASP B 77 -6.10 3.21 8.76
CA ASP B 77 -6.89 3.98 9.72
C ASP B 77 -6.06 5.00 10.50
N GLU B 78 -4.77 4.74 10.69
CA GLU B 78 -3.94 5.69 11.44
C GLU B 78 -3.70 6.94 10.59
N ALA B 79 -3.34 6.77 9.33
CA ALA B 79 -3.19 7.90 8.44
C ALA B 79 -4.53 8.61 8.22
N ARG B 80 -5.63 7.85 8.20
CA ARG B 80 -6.95 8.46 8.02
C ARG B 80 -7.24 9.44 9.16
N SER B 81 -6.85 9.08 10.38
CA SER B 81 -7.01 9.99 11.52
C SER B 81 -6.16 11.25 11.35
N ALA B 82 -4.91 11.07 10.94
CA ALA B 82 -4.02 12.21 10.74
C ALA B 82 -4.54 13.14 9.65
N GLU B 83 -5.17 12.55 8.64
CA GLU B 83 -5.66 13.28 7.48
C GLU B 83 -7.09 13.79 7.64
N ALA B 84 -7.73 13.46 8.77
CA ALA B 84 -9.16 13.73 8.90
C ALA B 84 -9.51 15.21 8.73
N SER B 85 -8.76 16.11 9.34
CA SER B 85 -9.13 17.53 9.22
C SER B 85 -8.94 18.00 7.77
N GLU B 86 -7.96 17.46 7.07
CA GLU B 86 -7.77 17.80 5.65
C GLU B 86 -8.88 17.22 4.78
N ILE B 87 -9.27 15.97 5.03
CA ILE B 87 -10.38 15.36 4.32
C ILE B 87 -11.66 16.17 4.53
N GLU B 88 -11.90 16.59 5.77
CA GLU B 88 -13.06 17.41 6.08
C GLU B 88 -13.00 18.75 5.35
N ARG B 89 -11.82 19.35 5.31
CA ARG B 89 -11.64 20.61 4.58
C ARG B 89 -11.95 20.44 3.09
N LEU B 90 -11.46 19.35 2.51
CA LEU B 90 -11.72 19.07 1.09
C LEU B 90 -13.20 18.89 0.83
N LEU B 91 -13.87 18.12 1.69
CA LEU B 91 -15.30 17.89 1.51
C LEU B 91 -16.13 19.17 1.64
N GLU B 92 -15.73 20.04 2.57
CA GLU B 92 -16.45 21.31 2.74
C GLU B 92 -16.25 22.22 1.53
N SER B 93 -15.08 22.15 0.92
CA SER B 93 -14.79 22.99 -0.25
C SER B 93 -15.61 22.57 -1.46
N VAL B 94 -15.97 21.29 -1.53
CA VAL B 94 -16.83 20.80 -2.60
C VAL B 94 -18.28 21.19 -2.35
#